data_1SR8
#
_entry.id   1SR8
#
_cell.length_a   79.035
_cell.length_b   75.912
_cell.length_c   63.032
_cell.angle_alpha   90.00
_cell.angle_beta   113.70
_cell.angle_gamma   90.00
#
_symmetry.space_group_name_H-M   'C 1 2 1'
#
loop_
_entity.id
_entity.type
_entity.pdbx_description
1 polymer 'cobalamin biosynthesis protein (cbiD)'
2 water water
#
_entity_poly.entity_id   1
_entity_poly.type   'polypeptide(L)'
_entity_poly.pdbx_seq_one_letter_code
;MLIDPIELYRYPEKWIKDRDAEKKVRSGLYILTEDGYLRRGITTGTTASAAAVAAIASLKEKVEKVKVSTPAGVDVEVEV
EAEKGFARVRKFSGDHEFDVTNGIIFEAEVCETSGIFFGRGVGVKAGEKAVSRSAKLQILENFIKASREFNFSGGVRISV
PDGEEVAKKTGNEKVGIKGGISILGTTGFVEPWCKKLVETKLKIAMQYHRIAITTGRKAWLYARKKFPEYQPFVFGVHID
EALKHPGEKIIVGFPGLLKIWAGSRDRIEERAREEGVRVVVIEDDMDSWVWDVQGTDH
;
_entity_poly.pdbx_strand_id   A
#
# COMPACT_ATOMS: atom_id res chain seq x y z
N MET A 1 8.86 12.20 -20.32
CA MET A 1 7.48 11.73 -20.03
C MET A 1 7.25 11.62 -18.52
N LEU A 2 6.00 11.38 -18.15
CA LEU A 2 5.61 11.26 -16.75
C LEU A 2 5.29 9.80 -16.40
N ILE A 3 6.12 9.22 -15.55
CA ILE A 3 5.96 7.83 -15.12
C ILE A 3 5.51 7.72 -13.66
N ASP A 4 4.55 6.85 -13.38
CA ASP A 4 4.09 6.67 -12.02
C ASP A 4 5.29 6.12 -11.25
N PRO A 5 5.66 6.74 -10.11
CA PRO A 5 6.81 6.25 -9.33
C PRO A 5 6.69 4.88 -8.69
N ILE A 6 5.46 4.36 -8.59
CA ILE A 6 5.25 3.04 -7.97
C ILE A 6 4.98 1.95 -8.98
N GLU A 7 3.94 2.11 -9.80
CA GLU A 7 3.61 1.09 -10.78
C GLU A 7 4.38 1.23 -12.09
N LEU A 8 5.08 2.35 -12.24
CA LEU A 8 5.94 2.59 -13.40
C LEU A 8 5.36 2.75 -14.81
N TYR A 9 4.04 2.89 -14.94
CA TYR A 9 3.47 3.08 -16.27
C TYR A 9 3.55 4.56 -16.59
N ARG A 10 3.30 4.89 -17.85
CA ARG A 10 3.34 6.26 -18.31
C ARG A 10 1.93 6.84 -18.36
N TYR A 11 1.83 8.14 -18.15
CA TYR A 11 0.54 8.82 -18.20
C TYR A 11 0.40 9.46 -19.57
N PRO A 12 -0.78 9.34 -20.19
CA PRO A 12 -1.03 9.93 -21.51
C PRO A 12 -0.66 11.41 -21.45
N GLU A 13 0.24 11.86 -22.32
CA GLU A 13 0.65 13.26 -22.31
C GLU A 13 -0.52 14.25 -22.41
N LYS A 14 -1.62 13.81 -23.00
CA LYS A 14 -2.77 14.67 -23.17
C LYS A 14 -3.61 14.82 -21.88
N TRP A 15 -3.24 14.06 -20.84
CA TRP A 15 -3.92 14.11 -19.55
C TRP A 15 -3.25 15.12 -18.65
N ILE A 16 -1.99 15.39 -18.96
CA ILE A 16 -1.18 16.33 -18.21
C ILE A 16 -1.45 17.74 -18.69
N LYS A 17 -2.24 18.45 -17.90
CA LYS A 17 -2.61 19.83 -18.18
C LYS A 17 -2.54 20.42 -16.78
N ASP A 18 -1.34 20.84 -16.39
CA ASP A 18 -1.16 21.36 -15.04
C ASP A 18 0.35 21.39 -14.89
N ARG A 19 0.90 22.46 -14.34
CA ARG A 19 2.37 22.49 -14.14
C ARG A 19 2.65 21.76 -12.81
N ASP A 20 1.57 21.53 -12.07
CA ASP A 20 1.61 20.89 -10.77
C ASP A 20 1.44 19.37 -10.91
N ALA A 21 0.99 18.93 -12.08
CA ALA A 21 0.73 17.52 -12.37
C ALA A 21 1.88 16.56 -12.06
N GLU A 22 3.12 16.99 -12.30
CA GLU A 22 4.24 16.12 -12.03
C GLU A 22 4.63 16.05 -10.56
N LYS A 23 4.43 17.15 -9.84
CA LYS A 23 4.76 17.19 -8.42
C LYS A 23 3.84 16.21 -7.68
N LYS A 24 2.57 16.19 -8.07
CA LYS A 24 1.58 15.31 -7.46
C LYS A 24 1.89 13.85 -7.82
N VAL A 25 2.13 13.59 -9.10
CA VAL A 25 2.43 12.24 -9.55
C VAL A 25 3.72 11.72 -8.93
N ARG A 26 4.77 12.52 -8.98
CA ARG A 26 6.07 12.16 -8.41
C ARG A 26 5.98 11.87 -6.90
N SER A 27 4.93 12.34 -6.25
CA SER A 27 4.76 12.17 -4.81
C SER A 27 4.19 10.79 -4.42
N GLY A 28 3.73 10.04 -5.41
CA GLY A 28 3.15 8.74 -5.13
C GLY A 28 1.74 8.87 -4.58
N LEU A 29 1.35 10.08 -4.23
CA LEU A 29 0.02 10.30 -3.66
C LEU A 29 -1.09 10.59 -4.67
N TYR A 30 -0.73 10.79 -5.94
CA TYR A 30 -1.74 11.05 -6.95
C TYR A 30 -1.61 10.23 -8.22
N ILE A 31 -2.76 9.72 -8.67
CA ILE A 31 -2.87 8.97 -9.91
C ILE A 31 -3.64 9.90 -10.84
N LEU A 32 -2.97 10.43 -11.84
CA LEU A 32 -3.58 11.33 -12.80
C LEU A 32 -4.58 10.57 -13.66
N THR A 33 -5.75 11.17 -13.88
CA THR A 33 -6.76 10.56 -14.73
C THR A 33 -7.05 11.47 -15.93
N GLU A 34 -7.94 11.00 -16.79
CA GLU A 34 -8.34 11.73 -17.99
C GLU A 34 -8.86 13.12 -17.62
N ASP A 35 -9.61 13.19 -16.52
CA ASP A 35 -10.19 14.45 -16.06
C ASP A 35 -10.03 14.65 -14.55
N GLY A 36 -8.80 14.86 -14.09
CA GLY A 36 -8.57 15.06 -12.67
C GLY A 36 -7.52 14.16 -12.07
N TYR A 37 -7.62 13.92 -10.77
CA TYR A 37 -6.68 13.07 -10.03
C TYR A 37 -7.40 12.10 -9.10
N LEU A 38 -6.74 10.98 -8.81
CA LEU A 38 -7.27 10.00 -7.86
C LEU A 38 -6.23 10.07 -6.75
N ARG A 39 -6.67 10.06 -5.50
CA ARG A 39 -5.78 10.14 -4.36
C ARG A 39 -5.40 8.78 -3.77
N ARG A 40 -4.10 8.53 -3.63
CA ARG A 40 -3.63 7.29 -3.02
C ARG A 40 -3.63 7.53 -1.51
N GLY A 41 -3.69 6.46 -0.73
CA GLY A 41 -3.66 6.61 0.71
C GLY A 41 -2.33 6.10 1.23
N ILE A 42 -2.20 6.00 2.55
CA ILE A 42 -0.99 5.47 3.16
C ILE A 42 -1.39 4.20 3.90
N THR A 43 -0.52 3.20 3.87
CA THR A 43 -0.80 1.93 4.53
C THR A 43 -0.66 2.03 6.06
N THR A 44 -1.12 0.98 6.74
CA THR A 44 -0.99 0.88 8.19
C THR A 44 0.52 0.90 8.52
N GLY A 45 1.31 0.34 7.61
CA GLY A 45 2.76 0.32 7.81
C GLY A 45 3.32 1.72 7.75
N THR A 46 2.86 2.52 6.79
CA THR A 46 3.37 3.88 6.67
C THR A 46 2.83 4.76 7.79
N THR A 47 1.61 4.50 8.23
CA THR A 47 1.01 5.29 9.30
C THR A 47 1.76 4.98 10.59
N ALA A 48 2.11 3.71 10.78
CA ALA A 48 2.85 3.30 11.97
C ALA A 48 4.22 3.98 11.97
N SER A 49 4.85 4.04 10.79
CA SER A 49 6.16 4.66 10.66
C SER A 49 6.09 6.13 11.03
N ALA A 50 5.05 6.80 10.53
CA ALA A 50 4.86 8.22 10.81
C ALA A 50 4.72 8.46 12.31
N ALA A 51 3.92 7.61 12.97
CA ALA A 51 3.72 7.74 14.41
C ALA A 51 5.04 7.61 15.16
N ALA A 52 5.81 6.60 14.82
CA ALA A 52 7.10 6.36 15.46
C ALA A 52 8.05 7.54 15.26
N VAL A 53 8.18 7.98 14.01
CA VAL A 53 9.06 9.10 13.71
C VAL A 53 8.63 10.38 14.42
N ALA A 54 7.32 10.64 14.47
CA ALA A 54 6.80 11.83 15.12
C ALA A 54 7.03 11.80 16.63
N ALA A 55 6.90 10.64 17.24
CA ALA A 55 7.10 10.53 18.68
C ALA A 55 8.54 10.90 19.06
N ILE A 56 9.51 10.41 18.29
CA ILE A 56 10.93 10.68 18.54
C ILE A 56 11.26 12.15 18.29
N ALA A 57 10.81 12.66 17.16
CA ALA A 57 11.04 14.04 16.79
C ALA A 57 10.40 15.03 17.77
N SER A 58 9.23 14.69 18.28
CA SER A 58 8.50 15.57 19.21
C SER A 58 9.21 15.78 20.54
N LEU A 59 10.21 14.96 20.82
CA LEU A 59 10.94 15.10 22.06
C LEU A 59 11.74 16.40 22.07
N LYS A 60 12.34 16.74 20.94
CA LYS A 60 13.14 17.95 20.85
C LYS A 60 12.53 19.11 20.07
N GLU A 61 11.21 19.13 19.95
CA GLU A 61 10.49 20.19 19.23
C GLU A 61 9.07 19.78 18.87
N LYS A 62 8.21 20.76 18.64
CA LYS A 62 6.81 20.48 18.28
C LYS A 62 6.74 19.95 16.86
N VAL A 63 5.94 18.90 16.68
CA VAL A 63 5.77 18.26 15.38
C VAL A 63 4.33 18.28 14.90
N GLU A 64 4.16 18.50 13.61
CA GLU A 64 2.83 18.53 13.01
C GLU A 64 2.84 17.71 11.74
N LYS A 65 4.05 17.43 11.24
CA LYS A 65 4.26 16.65 10.03
C LYS A 65 5.63 15.99 10.09
N VAL A 66 5.75 14.82 9.50
CA VAL A 66 7.03 14.14 9.46
C VAL A 66 7.16 13.53 8.08
N LYS A 67 8.38 13.22 7.69
CA LYS A 67 8.61 12.61 6.40
C LYS A 67 9.08 11.18 6.67
N VAL A 68 8.45 10.21 6.01
CA VAL A 68 8.86 8.84 6.20
C VAL A 68 9.19 8.17 4.87
N SER A 69 10.16 7.25 4.90
CA SER A 69 10.53 6.54 3.70
C SER A 69 9.51 5.41 3.53
N THR A 70 9.36 4.90 2.32
CA THR A 70 8.42 3.83 2.04
C THR A 70 9.14 2.75 1.27
N PRO A 71 8.57 1.52 1.25
CA PRO A 71 9.20 0.41 0.53
C PRO A 71 9.39 0.74 -0.95
N ALA A 72 8.45 1.49 -1.51
CA ALA A 72 8.49 1.89 -2.93
C ALA A 72 9.60 2.87 -3.21
N GLY A 73 10.20 3.42 -2.16
CA GLY A 73 11.29 4.36 -2.33
C GLY A 73 10.86 5.82 -2.47
N VAL A 74 9.58 6.08 -2.23
CA VAL A 74 9.03 7.44 -2.31
C VAL A 74 8.73 7.97 -0.90
N ASP A 75 9.50 8.96 -0.43
CA ASP A 75 9.26 9.51 0.90
C ASP A 75 7.93 10.23 0.90
N VAL A 76 7.17 10.10 1.98
CA VAL A 76 5.87 10.75 2.08
C VAL A 76 5.75 11.59 3.32
N GLU A 77 5.13 12.75 3.19
CA GLU A 77 4.95 13.62 4.33
C GLU A 77 3.57 13.29 4.93
N VAL A 78 3.55 13.04 6.24
CA VAL A 78 2.33 12.69 6.94
C VAL A 78 2.03 13.68 8.07
N GLU A 79 0.78 14.10 8.16
CA GLU A 79 0.36 15.02 9.21
C GLU A 79 0.15 14.22 10.47
N VAL A 80 0.68 14.72 11.59
CA VAL A 80 0.57 14.02 12.85
C VAL A 80 0.24 15.00 13.98
N GLU A 81 -0.07 14.44 15.14
CA GLU A 81 -0.35 15.22 16.34
C GLU A 81 0.61 14.63 17.37
N ALA A 82 1.79 15.22 17.47
CA ALA A 82 2.80 14.72 18.39
C ALA A 82 3.22 15.74 19.44
N GLU A 83 3.59 15.25 20.62
CA GLU A 83 4.03 16.12 21.70
C GLU A 83 4.77 15.36 22.80
N LYS A 84 6.01 15.76 23.03
CA LYS A 84 6.86 15.16 24.06
C LYS A 84 6.91 13.63 24.10
N GLY A 85 7.33 13.02 23.00
CA GLY A 85 7.42 11.58 22.96
C GLY A 85 6.15 10.80 22.69
N PHE A 86 5.04 11.51 22.44
CA PHE A 86 3.79 10.84 22.16
C PHE A 86 3.28 11.32 20.81
N ALA A 87 2.74 10.41 20.01
CA ALA A 87 2.21 10.76 18.69
C ALA A 87 0.93 10.02 18.37
N ARG A 88 0.07 10.68 17.61
CA ARG A 88 -1.21 10.14 17.20
C ARG A 88 -1.31 10.42 15.70
N VAL A 89 -1.49 9.37 14.90
CA VAL A 89 -1.58 9.55 13.45
C VAL A 89 -2.74 8.75 12.89
N ARG A 90 -3.53 9.37 12.03
CA ARG A 90 -4.68 8.69 11.45
C ARG A 90 -4.35 8.24 10.03
N LYS A 91 -4.68 7.00 9.72
CA LYS A 91 -4.45 6.48 8.39
C LYS A 91 -5.53 6.99 7.43
N PHE A 92 -5.14 7.32 6.20
CA PHE A 92 -6.10 7.75 5.21
C PHE A 92 -5.96 6.84 4.00
N SER A 93 -7.09 6.48 3.39
CA SER A 93 -7.08 5.59 2.24
C SER A 93 -7.28 6.26 0.88
N GLY A 94 -7.19 7.57 0.82
CA GLY A 94 -7.37 8.26 -0.45
C GLY A 94 -8.75 7.97 -1.04
N ASP A 95 -8.82 7.75 -2.34
CA ASP A 95 -10.11 7.49 -2.98
C ASP A 95 -10.53 6.03 -3.05
N HIS A 96 -9.96 5.20 -2.17
CA HIS A 96 -10.34 3.79 -2.14
C HIS A 96 -11.83 3.75 -1.82
N GLU A 97 -12.64 3.16 -2.69
CA GLU A 97 -14.08 3.12 -2.47
C GLU A 97 -14.44 2.63 -1.07
N PHE A 98 -13.57 1.85 -0.44
CA PHE A 98 -13.81 1.37 0.92
C PHE A 98 -12.73 0.50 1.54
N ASP A 99 -11.96 1.12 2.43
CA ASP A 99 -10.88 0.44 3.14
C ASP A 99 -11.32 0.41 4.61
N VAL A 100 -11.58 -0.78 5.14
CA VAL A 100 -12.05 -0.92 6.53
C VAL A 100 -11.24 -0.22 7.60
N THR A 101 -9.94 0.00 7.37
CA THR A 101 -9.10 0.67 8.35
C THR A 101 -8.82 2.13 8.02
N ASN A 102 -9.55 2.68 7.06
CA ASN A 102 -9.37 4.09 6.72
C ASN A 102 -9.75 4.86 7.99
N GLY A 103 -9.03 5.93 8.29
CA GLY A 103 -9.33 6.71 9.48
C GLY A 103 -8.93 6.10 10.82
N ILE A 104 -8.35 4.91 10.82
CA ILE A 104 -7.94 4.27 12.06
C ILE A 104 -6.73 4.98 12.69
N ILE A 105 -6.76 5.18 14.00
CA ILE A 105 -5.68 5.86 14.69
C ILE A 105 -4.52 4.97 15.12
N PHE A 106 -3.31 5.49 14.92
CA PHE A 106 -2.08 4.80 15.33
C PHE A 106 -1.41 5.68 16.38
N GLU A 107 -1.04 5.07 17.50
CA GLU A 107 -0.36 5.82 18.55
C GLU A 107 1.04 5.26 18.73
N ALA A 108 1.99 6.16 18.97
CA ALA A 108 3.39 5.79 19.19
C ALA A 108 3.88 6.50 20.45
N GLU A 109 4.55 5.75 21.30
CA GLU A 109 5.06 6.30 22.54
C GLU A 109 6.53 5.93 22.72
N VAL A 110 7.38 6.92 22.99
CA VAL A 110 8.80 6.66 23.21
C VAL A 110 8.94 5.97 24.55
N CYS A 111 9.81 4.97 24.63
CA CYS A 111 10.01 4.26 25.89
C CYS A 111 11.49 4.13 26.20
N GLU A 112 11.81 3.65 27.39
CA GLU A 112 13.20 3.49 27.81
C GLU A 112 13.97 2.40 27.07
N THR A 113 13.36 1.23 26.95
CA THR A 113 14.01 0.12 26.28
C THR A 113 14.08 0.32 24.76
N SER A 114 15.29 0.39 24.23
CA SER A 114 15.51 0.61 22.80
C SER A 114 14.93 -0.46 21.89
N GLY A 115 14.32 -0.01 20.79
CA GLY A 115 13.72 -0.93 19.83
C GLY A 115 12.34 -0.48 19.40
N ILE A 116 11.68 -1.32 18.61
CA ILE A 116 10.32 -1.07 18.10
C ILE A 116 9.39 -2.12 18.67
N PHE A 117 8.37 -1.69 19.40
CA PHE A 117 7.44 -2.63 20.00
C PHE A 117 6.02 -2.32 19.60
N PHE A 118 5.19 -3.36 19.58
CA PHE A 118 3.79 -3.23 19.19
C PHE A 118 2.86 -3.57 20.35
N GLY A 119 1.96 -2.65 20.70
CA GLY A 119 1.07 -2.89 21.81
C GLY A 119 -0.36 -3.29 21.49
N ARG A 120 -1.29 -2.71 22.24
CA ARG A 120 -2.71 -3.00 22.07
C ARG A 120 -3.23 -2.64 20.69
N GLY A 121 -4.18 -3.41 20.20
CA GLY A 121 -4.77 -3.14 18.90
C GLY A 121 -4.07 -3.80 17.73
N VAL A 122 -2.86 -4.30 17.98
CA VAL A 122 -2.06 -4.98 16.95
C VAL A 122 -2.25 -6.48 17.17
N GLY A 123 -2.86 -7.16 16.20
CA GLY A 123 -3.11 -8.58 16.32
C GLY A 123 -1.87 -9.45 16.51
N VAL A 124 -2.11 -10.66 17.03
CA VAL A 124 -1.04 -11.62 17.27
C VAL A 124 -1.38 -12.93 16.55
N LYS A 125 -0.38 -13.51 15.89
CA LYS A 125 -0.55 -14.75 15.16
C LYS A 125 0.64 -15.64 15.47
N ALA A 126 0.37 -16.88 15.90
CA ALA A 126 1.44 -17.82 16.23
C ALA A 126 2.44 -17.22 17.22
N GLY A 127 1.91 -16.54 18.24
CA GLY A 127 2.76 -15.95 19.25
C GLY A 127 3.58 -14.75 18.83
N GLU A 128 3.33 -14.23 17.62
CA GLU A 128 4.07 -13.07 17.12
C GLU A 128 3.17 -11.97 16.61
N LYS A 129 3.62 -10.72 16.73
CA LYS A 129 2.83 -9.57 16.27
C LYS A 129 2.62 -9.60 14.75
N ALA A 130 1.38 -9.35 14.33
CA ALA A 130 1.00 -9.35 12.93
C ALA A 130 1.48 -8.12 12.13
N VAL A 131 2.78 -8.04 11.91
CA VAL A 131 3.41 -6.95 11.15
C VAL A 131 4.14 -7.60 9.96
N SER A 132 3.71 -7.32 8.74
CA SER A 132 4.35 -7.93 7.58
C SER A 132 5.82 -7.55 7.46
N ARG A 133 6.54 -8.30 6.63
CA ARG A 133 7.96 -8.07 6.40
C ARG A 133 8.21 -6.66 5.90
N SER A 134 7.47 -6.26 4.87
CA SER A 134 7.60 -4.93 4.28
C SER A 134 7.40 -3.84 5.30
N ALA A 135 6.31 -3.95 6.06
CA ALA A 135 5.96 -2.99 7.09
C ALA A 135 7.04 -2.93 8.15
N LYS A 136 7.51 -4.10 8.56
CA LYS A 136 8.53 -4.18 9.59
C LYS A 136 9.83 -3.51 9.17
N LEU A 137 10.30 -3.78 7.95
CA LEU A 137 11.54 -3.19 7.50
C LEU A 137 11.40 -1.68 7.35
N GLN A 138 10.21 -1.25 6.91
CA GLN A 138 9.91 0.17 6.72
C GLN A 138 9.96 0.90 8.04
N ILE A 139 9.27 0.35 9.04
CA ILE A 139 9.24 0.97 10.36
C ILE A 139 10.64 1.04 10.95
N LEU A 140 11.39 -0.05 10.88
CA LEU A 140 12.74 -0.07 11.42
C LEU A 140 13.62 0.94 10.73
N GLU A 141 13.46 1.05 9.43
CA GLU A 141 14.23 1.99 8.64
C GLU A 141 14.01 3.42 9.14
N ASN A 142 12.76 3.80 9.31
CA ASN A 142 12.41 5.13 9.77
C ASN A 142 12.87 5.34 11.21
N PHE A 143 12.82 4.27 12.00
CA PHE A 143 13.24 4.32 13.40
C PHE A 143 14.73 4.63 13.47
N ILE A 144 15.52 3.96 12.63
CA ILE A 144 16.96 4.19 12.59
C ILE A 144 17.26 5.63 12.17
N LYS A 145 16.64 6.07 11.08
CA LYS A 145 16.85 7.43 10.60
C LYS A 145 16.50 8.45 11.70
N ALA A 146 15.32 8.31 12.29
CA ALA A 146 14.89 9.21 13.35
C ALA A 146 15.80 9.15 14.56
N SER A 147 16.17 7.94 15.00
CA SER A 147 17.04 7.80 16.16
C SER A 147 18.32 8.61 15.97
N ARG A 148 18.86 8.59 14.76
CA ARG A 148 20.08 9.32 14.44
C ARG A 148 19.87 10.83 14.29
N GLU A 149 18.84 11.22 13.56
CA GLU A 149 18.57 12.64 13.35
C GLU A 149 18.30 13.38 14.64
N PHE A 150 17.57 12.75 15.55
CA PHE A 150 17.21 13.36 16.82
C PHE A 150 17.99 12.81 17.99
N ASN A 151 19.15 12.22 17.69
CA ASN A 151 20.03 11.65 18.70
C ASN A 151 19.25 10.94 19.80
N PHE A 152 18.36 10.05 19.37
CA PHE A 152 17.51 9.26 20.26
C PHE A 152 18.15 7.90 20.50
N SER A 153 18.04 7.39 21.72
CA SER A 153 18.62 6.08 22.04
C SER A 153 17.62 5.12 22.66
N GLY A 154 16.40 5.60 22.91
CA GLY A 154 15.37 4.75 23.47
C GLY A 154 14.65 3.94 22.42
N GLY A 155 13.37 3.67 22.64
CA GLY A 155 12.58 2.91 21.68
C GLY A 155 11.17 3.48 21.58
N VAL A 156 10.30 2.83 20.82
CA VAL A 156 8.93 3.30 20.70
C VAL A 156 7.97 2.11 20.66
N ARG A 157 6.80 2.29 21.26
CA ARG A 157 5.80 1.23 21.23
C ARG A 157 4.68 1.81 20.37
N ILE A 158 4.31 1.06 19.34
CA ILE A 158 3.26 1.46 18.42
C ILE A 158 1.97 0.73 18.77
N SER A 159 0.88 1.46 18.94
CA SER A 159 -0.41 0.87 19.30
C SER A 159 -1.55 1.38 18.45
N VAL A 160 -2.65 0.62 18.45
CA VAL A 160 -3.85 0.97 17.70
C VAL A 160 -5.04 0.87 18.66
N PRO A 161 -5.41 1.99 19.31
CA PRO A 161 -6.51 2.10 20.26
C PRO A 161 -7.80 1.32 19.93
N ASP A 162 -8.26 1.40 18.68
CA ASP A 162 -9.47 0.69 18.30
C ASP A 162 -9.17 -0.50 17.42
N GLY A 163 -7.93 -0.96 17.48
CA GLY A 163 -7.52 -2.08 16.67
C GLY A 163 -8.24 -3.38 16.93
N GLU A 164 -8.43 -3.71 18.20
CA GLU A 164 -9.09 -4.97 18.54
C GLU A 164 -10.52 -5.00 18.01
N GLU A 165 -11.20 -3.87 18.09
CA GLU A 165 -12.57 -3.77 17.61
C GLU A 165 -12.58 -3.82 16.09
N VAL A 166 -11.97 -2.83 15.45
CA VAL A 166 -11.91 -2.75 13.99
C VAL A 166 -11.56 -4.13 13.42
N ALA A 167 -10.75 -4.88 14.16
CA ALA A 167 -10.32 -6.20 13.76
C ALA A 167 -11.50 -7.18 13.65
N LYS A 168 -12.44 -7.07 14.59
CA LYS A 168 -13.60 -7.95 14.61
C LYS A 168 -14.37 -7.91 13.29
N LYS A 169 -14.22 -6.83 12.53
CA LYS A 169 -14.92 -6.70 11.26
C LYS A 169 -13.98 -6.76 10.07
N THR A 170 -12.79 -7.28 10.30
CA THR A 170 -11.79 -7.38 9.25
C THR A 170 -11.61 -8.83 8.85
N GLY A 171 -12.26 -9.72 9.61
CA GLY A 171 -12.19 -11.14 9.33
C GLY A 171 -10.84 -11.82 9.46
N ASN A 172 -9.77 -11.04 9.61
CA ASN A 172 -8.42 -11.61 9.73
C ASN A 172 -8.28 -12.62 10.88
N GLU A 173 -9.32 -12.71 11.71
CA GLU A 173 -9.31 -13.64 12.85
C GLU A 173 -9.42 -15.09 12.37
N LYS A 174 -9.86 -15.27 11.14
CA LYS A 174 -9.98 -16.61 10.57
C LYS A 174 -8.70 -16.94 9.83
N VAL A 175 -7.68 -16.12 10.05
CA VAL A 175 -6.37 -16.33 9.42
C VAL A 175 -5.33 -16.56 10.52
N GLY A 176 -5.82 -16.65 11.75
CA GLY A 176 -4.94 -16.90 12.89
C GLY A 176 -4.53 -15.65 13.65
N ILE A 177 -4.88 -14.48 13.11
CA ILE A 177 -4.55 -13.22 13.74
C ILE A 177 -5.64 -12.84 14.72
N LYS A 178 -5.28 -12.65 15.98
CA LYS A 178 -6.29 -12.31 16.97
C LYS A 178 -5.88 -11.20 17.94
N GLY A 179 -6.86 -10.41 18.35
CA GLY A 179 -6.59 -9.32 19.28
C GLY A 179 -6.25 -7.99 18.66
N GLY A 180 -6.35 -7.88 17.34
CA GLY A 180 -6.03 -6.62 16.70
C GLY A 180 -5.81 -6.71 15.20
N ILE A 181 -5.52 -5.58 14.57
CA ILE A 181 -5.30 -5.55 13.13
C ILE A 181 -3.86 -5.88 12.76
N SER A 182 -3.63 -6.03 11.46
CA SER A 182 -2.30 -6.31 10.93
C SER A 182 -1.68 -4.97 10.50
N ILE A 183 -0.36 -4.90 10.49
CA ILE A 183 0.34 -3.72 10.04
C ILE A 183 1.06 -4.21 8.79
N LEU A 184 0.68 -3.67 7.64
CA LEU A 184 1.26 -4.11 6.38
C LEU A 184 1.37 -3.01 5.33
N GLY A 185 1.82 -3.41 4.15
CA GLY A 185 1.96 -2.47 3.04
C GLY A 185 3.21 -2.76 2.24
N THR A 186 3.04 -3.37 1.06
CA THR A 186 4.17 -3.70 0.21
C THR A 186 4.86 -2.51 -0.41
N THR A 187 4.10 -1.47 -0.77
CA THR A 187 4.71 -0.28 -1.37
C THR A 187 4.75 0.90 -0.41
N GLY A 188 3.85 0.89 0.57
CA GLY A 188 3.76 1.97 1.53
C GLY A 188 2.52 2.81 1.22
N PHE A 189 1.92 2.58 0.06
CA PHE A 189 0.76 3.35 -0.36
C PHE A 189 -0.46 2.46 -0.52
N VAL A 190 -1.64 3.07 -0.42
CA VAL A 190 -2.90 2.37 -0.57
C VAL A 190 -3.45 2.70 -1.96
N GLU A 191 -3.62 1.68 -2.80
CA GLU A 191 -4.15 1.87 -4.15
C GLU A 191 -5.63 2.19 -3.99
N PRO A 192 -6.10 3.35 -4.54
CA PRO A 192 -7.50 3.80 -4.46
C PRO A 192 -8.50 3.04 -5.32
N TRP A 193 -8.72 1.78 -4.98
CA TRP A 193 -9.64 0.94 -5.72
C TRP A 193 -11.09 1.40 -5.73
N CYS A 194 -11.55 1.72 -6.94
CA CYS A 194 -12.91 2.15 -7.22
C CYS A 194 -13.10 1.96 -8.74
N LYS A 195 -14.28 2.25 -9.26
CA LYS A 195 -14.52 2.08 -10.69
C LYS A 195 -13.66 3.03 -11.52
N LYS A 196 -13.59 4.28 -11.07
CA LYS A 196 -12.80 5.28 -11.77
C LYS A 196 -11.36 4.81 -11.96
N LEU A 197 -10.77 4.23 -10.92
CA LEU A 197 -9.40 3.73 -11.03
C LEU A 197 -9.30 2.58 -12.02
N VAL A 198 -10.23 1.63 -11.92
CA VAL A 198 -10.21 0.49 -12.84
C VAL A 198 -10.30 0.93 -14.30
N GLU A 199 -11.13 1.94 -14.59
CA GLU A 199 -11.29 2.45 -15.96
C GLU A 199 -10.07 3.24 -16.39
N THR A 200 -9.55 4.03 -15.46
CA THR A 200 -8.37 4.86 -15.72
C THR A 200 -7.15 3.97 -16.03
N LYS A 201 -6.92 2.96 -15.20
CA LYS A 201 -5.78 2.10 -15.40
C LYS A 201 -5.87 1.29 -16.70
N LEU A 202 -7.09 0.98 -17.13
CA LEU A 202 -7.27 0.24 -18.37
C LEU A 202 -6.83 1.14 -19.53
N LYS A 203 -7.24 2.41 -19.47
CA LYS A 203 -6.87 3.38 -20.50
C LYS A 203 -5.37 3.59 -20.51
N ILE A 204 -4.76 3.60 -19.33
CA ILE A 204 -3.32 3.77 -19.23
C ILE A 204 -2.63 2.58 -19.88
N ALA A 205 -3.22 1.40 -19.68
CA ALA A 205 -2.68 0.16 -20.23
C ALA A 205 -2.89 0.05 -21.73
N MET A 206 -3.66 0.98 -22.30
CA MET A 206 -3.93 0.96 -23.74
C MET A 206 -2.74 1.53 -24.49
N GLN A 207 -1.80 2.14 -23.78
CA GLN A 207 -0.62 2.70 -24.42
C GLN A 207 0.39 1.61 -24.71
N TYR A 208 0.11 0.39 -24.23
CA TYR A 208 1.03 -0.74 -24.40
C TYR A 208 0.33 -1.87 -25.12
N HIS A 209 1.04 -2.52 -26.03
CA HIS A 209 0.46 -3.63 -26.75
C HIS A 209 0.40 -4.88 -25.87
N ARG A 210 1.50 -5.16 -25.19
CA ARG A 210 1.58 -6.32 -24.30
C ARG A 210 1.49 -5.86 -22.86
N ILE A 211 0.60 -6.50 -22.09
CA ILE A 211 0.45 -6.12 -20.68
C ILE A 211 0.24 -7.31 -19.75
N ALA A 212 0.84 -7.24 -18.57
CA ALA A 212 0.67 -8.29 -17.57
C ALA A 212 -0.39 -7.82 -16.57
N ILE A 213 -1.49 -8.56 -16.48
CA ILE A 213 -2.57 -8.23 -15.55
C ILE A 213 -2.29 -8.99 -14.24
N THR A 214 -1.82 -8.28 -13.22
CA THR A 214 -1.48 -8.92 -11.96
C THR A 214 -2.45 -8.61 -10.82
N THR A 215 -2.47 -9.49 -9.80
CA THR A 215 -3.36 -9.34 -8.66
C THR A 215 -2.86 -8.45 -7.52
N GLY A 216 -1.54 -8.29 -7.42
CA GLY A 216 -1.00 -7.45 -6.37
C GLY A 216 0.45 -7.13 -6.64
N ARG A 217 1.11 -6.47 -5.68
CA ARG A 217 2.50 -6.09 -5.84
C ARG A 217 3.44 -7.28 -6.03
N LYS A 218 3.23 -8.36 -5.29
CA LYS A 218 4.13 -9.51 -5.44
C LYS A 218 4.02 -10.09 -6.84
N ALA A 219 2.79 -10.16 -7.34
CA ALA A 219 2.51 -10.67 -8.69
C ALA A 219 3.17 -9.77 -9.73
N TRP A 220 3.06 -8.47 -9.49
CA TRP A 220 3.62 -7.45 -10.36
C TRP A 220 5.13 -7.63 -10.45
N LEU A 221 5.77 -7.89 -9.32
CA LEU A 221 7.21 -8.08 -9.26
C LEU A 221 7.57 -9.34 -10.02
N TYR A 222 6.72 -10.36 -9.90
CA TYR A 222 6.96 -11.61 -10.60
C TYR A 222 6.92 -11.39 -12.10
N ALA A 223 5.90 -10.70 -12.57
CA ALA A 223 5.75 -10.41 -14.00
C ALA A 223 6.91 -9.58 -14.53
N ARG A 224 7.37 -8.62 -13.72
CA ARG A 224 8.47 -7.74 -14.09
C ARG A 224 9.70 -8.57 -14.41
N LYS A 225 9.86 -9.64 -13.64
CA LYS A 225 10.99 -10.52 -13.76
C LYS A 225 10.85 -11.61 -14.82
N LYS A 226 9.73 -12.33 -14.81
CA LYS A 226 9.49 -13.43 -15.75
C LYS A 226 8.90 -13.07 -17.11
N PHE A 227 8.27 -11.90 -17.22
CA PHE A 227 7.66 -11.47 -18.48
C PHE A 227 8.01 -10.01 -18.74
N PRO A 228 9.31 -9.69 -18.78
CA PRO A 228 9.77 -8.32 -19.01
C PRO A 228 9.15 -7.52 -20.16
N GLU A 229 8.85 -8.18 -21.28
CA GLU A 229 8.28 -7.48 -22.43
C GLU A 229 6.77 -7.17 -22.34
N TYR A 230 6.19 -7.37 -21.16
CA TYR A 230 4.78 -7.08 -20.92
C TYR A 230 4.75 -5.95 -19.92
N GLN A 231 3.95 -4.91 -20.17
CA GLN A 231 3.88 -3.82 -19.20
C GLN A 231 3.07 -4.31 -18.00
N PRO A 232 3.70 -4.40 -16.82
CA PRO A 232 3.03 -4.87 -15.61
C PRO A 232 2.08 -3.86 -14.96
N PHE A 233 0.86 -4.33 -14.72
CA PHE A 233 -0.21 -3.55 -14.12
C PHE A 233 -0.87 -4.35 -13.01
N VAL A 234 -1.37 -3.64 -12.00
CA VAL A 234 -2.05 -4.30 -10.90
C VAL A 234 -3.52 -3.99 -11.05
N PHE A 235 -4.33 -5.03 -11.26
CA PHE A 235 -5.76 -4.84 -11.40
C PHE A 235 -6.52 -5.56 -10.30
N GLY A 236 -5.79 -6.15 -9.36
CA GLY A 236 -6.42 -6.86 -8.27
C GLY A 236 -7.40 -7.92 -8.76
N VAL A 237 -8.65 -7.83 -8.33
CA VAL A 237 -9.64 -8.81 -8.75
C VAL A 237 -10.43 -8.31 -9.96
N HIS A 238 -10.11 -7.11 -10.41
CA HIS A 238 -10.78 -6.48 -11.55
C HIS A 238 -10.13 -6.89 -12.86
N ILE A 239 -9.94 -8.20 -13.02
CA ILE A 239 -9.31 -8.78 -14.22
C ILE A 239 -10.18 -8.70 -15.47
N ASP A 240 -11.48 -8.91 -15.30
CA ASP A 240 -12.42 -8.87 -16.42
C ASP A 240 -12.29 -7.55 -17.16
N GLU A 241 -12.20 -6.47 -16.40
CA GLU A 241 -12.05 -5.15 -17.00
C GLU A 241 -10.75 -5.05 -17.79
N ALA A 242 -9.66 -5.51 -17.19
CA ALA A 242 -8.37 -5.46 -17.84
C ALA A 242 -8.40 -6.27 -19.13
N LEU A 243 -9.20 -7.33 -19.15
CA LEU A 243 -9.30 -8.18 -20.33
C LEU A 243 -9.94 -7.51 -21.54
N LYS A 244 -10.45 -6.28 -21.35
CA LYS A 244 -11.05 -5.54 -22.45
C LYS A 244 -9.93 -4.96 -23.30
N HIS A 245 -8.71 -5.01 -22.79
CA HIS A 245 -7.55 -4.50 -23.51
C HIS A 245 -7.48 -5.31 -24.81
N PRO A 246 -7.22 -4.62 -25.93
CA PRO A 246 -7.14 -5.27 -27.25
C PRO A 246 -5.81 -5.89 -27.68
N GLY A 247 -4.75 -5.75 -26.88
CA GLY A 247 -3.47 -6.30 -27.26
C GLY A 247 -3.13 -7.65 -26.68
N GLU A 248 -1.84 -7.85 -26.38
CA GLU A 248 -1.34 -9.10 -25.78
C GLU A 248 -1.44 -9.04 -24.24
N LYS A 249 -2.22 -9.94 -23.68
CA LYS A 249 -2.43 -9.98 -22.24
C LYS A 249 -1.99 -11.27 -21.58
N ILE A 250 -1.47 -11.14 -20.38
CA ILE A 250 -1.05 -12.30 -19.62
C ILE A 250 -1.55 -12.04 -18.19
N ILE A 251 -2.11 -13.06 -17.54
CA ILE A 251 -2.61 -12.92 -16.18
C ILE A 251 -1.65 -13.58 -15.20
N VAL A 252 -1.19 -12.81 -14.22
CA VAL A 252 -0.29 -13.33 -13.19
C VAL A 252 -0.87 -13.00 -11.82
N GLY A 253 -1.03 -14.01 -10.98
CA GLY A 253 -1.57 -13.75 -9.66
C GLY A 253 -1.51 -14.94 -8.73
N PHE A 254 -1.84 -14.71 -7.46
CA PHE A 254 -1.84 -15.77 -6.47
C PHE A 254 -3.22 -16.39 -6.39
N PRO A 255 -3.29 -17.68 -6.03
CA PRO A 255 -4.52 -18.47 -5.89
C PRO A 255 -5.69 -17.74 -5.25
N GLY A 256 -5.40 -17.04 -4.15
CA GLY A 256 -6.43 -16.31 -3.42
C GLY A 256 -7.30 -15.38 -4.21
N LEU A 257 -6.68 -14.42 -4.91
CA LEU A 257 -7.42 -13.45 -5.69
C LEU A 257 -7.89 -13.97 -7.04
N LEU A 258 -7.14 -14.91 -7.59
CA LEU A 258 -7.52 -15.49 -8.89
C LEU A 258 -8.83 -16.28 -8.80
N LYS A 259 -9.02 -17.01 -7.71
CA LYS A 259 -10.27 -17.78 -7.57
C LYS A 259 -11.42 -16.83 -7.26
N ILE A 260 -11.11 -15.68 -6.65
CA ILE A 260 -12.15 -14.71 -6.35
C ILE A 260 -12.65 -14.12 -7.66
N TRP A 261 -11.73 -13.85 -8.60
CA TRP A 261 -12.12 -13.32 -9.89
C TRP A 261 -12.79 -14.41 -10.73
N ALA A 262 -12.14 -15.56 -10.80
CA ALA A 262 -12.64 -16.70 -11.57
C ALA A 262 -13.97 -17.19 -11.00
N GLY A 263 -13.88 -17.71 -9.78
CA GLY A 263 -15.06 -18.23 -9.10
C GLY A 263 -14.69 -19.48 -8.32
N SER A 264 -13.52 -20.03 -8.64
CA SER A 264 -13.02 -21.24 -7.99
C SER A 264 -11.65 -21.60 -8.55
N ARG A 265 -10.84 -22.32 -7.77
CA ARG A 265 -9.51 -22.72 -8.21
C ARG A 265 -9.52 -23.48 -9.53
N ASP A 266 -10.62 -24.16 -9.80
CA ASP A 266 -10.75 -24.93 -11.03
C ASP A 266 -11.24 -24.07 -12.19
N ARG A 267 -11.92 -22.97 -11.87
CA ARG A 267 -12.44 -22.06 -12.89
C ARG A 267 -11.38 -21.10 -13.45
N ILE A 268 -10.21 -21.06 -12.80
CA ILE A 268 -9.12 -20.19 -13.24
C ILE A 268 -8.67 -20.66 -14.62
N GLU A 269 -8.06 -21.84 -14.65
CA GLU A 269 -7.56 -22.46 -15.88
C GLU A 269 -8.65 -22.60 -16.94
N GLU A 270 -9.90 -22.76 -16.50
CA GLU A 270 -11.02 -22.86 -17.42
C GLU A 270 -11.29 -21.49 -18.02
N ARG A 271 -11.36 -20.48 -17.15
CA ARG A 271 -11.57 -19.11 -17.57
C ARG A 271 -10.40 -18.67 -18.44
N ALA A 272 -9.22 -19.22 -18.13
CA ALA A 272 -8.01 -18.91 -18.89
C ALA A 272 -8.19 -19.30 -20.35
N ARG A 273 -8.30 -20.59 -20.60
CA ARG A 273 -8.47 -21.08 -21.97
C ARG A 273 -9.80 -20.60 -22.56
N GLU A 274 -10.68 -20.13 -21.69
CA GLU A 274 -11.99 -19.62 -22.08
C GLU A 274 -11.96 -18.16 -22.51
N GLU A 275 -10.81 -17.50 -22.29
CA GLU A 275 -10.63 -16.11 -22.66
C GLU A 275 -9.48 -15.98 -23.65
N GLY A 276 -8.77 -17.07 -23.86
CA GLY A 276 -7.64 -17.05 -24.78
C GLY A 276 -6.45 -16.32 -24.20
N VAL A 277 -6.39 -16.26 -22.87
CA VAL A 277 -5.30 -15.59 -22.16
C VAL A 277 -4.68 -16.51 -21.11
N ARG A 278 -3.35 -16.60 -21.13
CA ARG A 278 -2.64 -17.43 -20.19
C ARG A 278 -2.77 -16.87 -18.78
N VAL A 279 -2.94 -17.77 -17.81
CA VAL A 279 -3.03 -17.38 -16.40
C VAL A 279 -1.90 -18.08 -15.64
N VAL A 280 -0.97 -17.29 -15.11
CA VAL A 280 0.15 -17.81 -14.35
C VAL A 280 -0.15 -17.70 -12.86
N VAL A 281 -0.35 -18.84 -12.22
CA VAL A 281 -0.65 -18.85 -10.81
C VAL A 281 0.65 -19.08 -10.04
N ILE A 282 1.02 -18.11 -9.21
CA ILE A 282 2.23 -18.19 -8.41
C ILE A 282 1.87 -18.34 -6.94
#